data_3DKI
#
_entry.id   3DKI
#
_cell.length_a   74.423
_cell.length_b   89.222
_cell.length_c   98.766
_cell.angle_alpha   90.00
_cell.angle_beta   90.00
_cell.angle_gamma   90.00
#
_symmetry.space_group_name_H-M   'P 21 21 21'
#
loop_
_entity.id
_entity.type
_entity.pdbx_description
1 polymer 'Cysteine synthase B'
2 non-polymer 'SODIUM ION'
3 water water
#
_entity_poly.entity_id   1
_entity_poly.type   'polypeptide(L)'
_entity_poly.pdbx_seq_one_letter_code
;GSHMARYDSLLQALGNTPLVGLQRLSPRWDDGRDGPHVRLWAKLEDRNPTGSI(LLP)DRPAVRMIEQAEADGLLRPGAT
ILEPTSGNTGISLAMAARLKGYRLICVMPENTSVERRQLLELYGAQIIFSAAEGGSNTAVATAKELAATNPSWVMLYQYG
NPANTDSHYCGTGPELLADLPEITHFVAGLGTTGTLMGTGRFLREHVANVKIVAAEPRYGEGVYALRNMDEGFVPELYDP
EILTARYSVGAVDAVRRTRELVHTEGIFAGISTGAVLHAALGVGAGALAAGERADIALVVADAGWKYLSTGAYAGSLDDA
ETALEGQLWA
;
_entity_poly.pdbx_strand_id   A,B
#
loop_
_chem_comp.id
_chem_comp.type
_chem_comp.name
_chem_comp.formula
NA non-polymer 'SODIUM ION' 'Na 1'
#
# COMPACT_ATOMS: atom_id res chain seq x y z
N ARG A 6 14.72 8.85 -6.19
CA ARG A 6 15.43 8.02 -7.20
C ARG A 6 14.48 7.52 -8.30
N TYR A 7 13.25 8.03 -8.34
CA TYR A 7 12.33 7.71 -9.43
C TYR A 7 11.80 8.96 -10.10
N ASP A 8 11.79 8.98 -11.43
CA ASP A 8 11.28 10.12 -12.20
C ASP A 8 9.79 10.04 -12.46
N SER A 9 9.24 8.85 -12.22
CA SER A 9 7.85 8.56 -12.44
C SER A 9 7.39 7.48 -11.45
N LEU A 10 6.17 7.58 -10.97
CA LEU A 10 5.52 6.56 -10.21
C LEU A 10 5.56 5.19 -10.84
N LEU A 11 5.43 5.14 -12.16
CA LEU A 11 5.63 3.92 -12.92
C LEU A 11 6.88 3.18 -12.65
N GLN A 12 7.92 3.87 -12.26
CA GLN A 12 9.22 3.24 -11.98
C GLN A 12 9.28 2.65 -10.57
N ALA A 13 8.35 3.07 -9.71
CA ALA A 13 8.29 2.62 -8.31
C ALA A 13 7.40 1.38 -8.23
N LEU A 14 7.65 0.42 -9.10
CA LEU A 14 6.78 -0.72 -9.29
C LEU A 14 7.66 -1.98 -9.13
N GLY A 15 7.12 -3.02 -8.50
CA GLY A 15 7.85 -4.26 -8.40
C GLY A 15 8.96 -4.11 -7.41
N ASN A 16 9.88 -5.06 -7.40
CA ASN A 16 10.90 -5.13 -6.36
C ASN A 16 10.28 -5.07 -4.95
N THR A 17 9.20 -5.82 -4.77
CA THR A 17 8.44 -5.80 -3.52
C THR A 17 9.12 -6.63 -2.41
N PRO A 18 8.85 -6.29 -1.14
CA PRO A 18 9.46 -7.03 -0.05
C PRO A 18 9.00 -8.49 0.01
N LEU A 19 9.91 -9.39 0.43
CA LEU A 19 9.56 -10.75 0.88
C LEU A 19 9.80 -10.84 2.39
N VAL A 20 8.76 -11.16 3.14
CA VAL A 20 8.81 -11.06 4.61
C VAL A 20 8.39 -12.40 5.24
N GLY A 21 9.25 -12.93 6.12
CA GLY A 21 9.06 -14.22 6.78
C GLY A 21 7.97 -14.10 7.81
N LEU A 22 7.11 -15.11 7.90
CA LEU A 22 6.00 -15.08 8.83
C LEU A 22 6.35 -15.99 10.00
N GLN A 23 7.16 -15.48 10.93
CA GLN A 23 7.74 -16.35 11.96
C GLN A 23 6.73 -16.93 12.94
N ARG A 24 5.63 -16.24 13.16
CA ARG A 24 4.61 -16.71 14.07
C ARG A 24 3.62 -17.63 13.36
N LEU A 25 3.16 -17.25 12.17
CA LEU A 25 2.21 -18.09 11.43
C LEU A 25 2.83 -19.31 10.74
N SER A 26 4.14 -19.33 10.54
CA SER A 26 4.74 -20.49 9.93
C SER A 26 4.57 -21.69 10.85
N PRO A 27 4.20 -22.85 10.29
CA PRO A 27 4.13 -24.08 11.07
C PRO A 27 5.38 -24.35 11.91
N ARG A 28 6.58 -24.12 11.36
CA ARG A 28 7.80 -24.18 12.20
C ARG A 28 8.90 -23.32 11.62
N TRP A 29 9.10 -22.15 12.20
CA TRP A 29 10.09 -21.22 11.68
C TRP A 29 11.52 -21.75 11.88
N ASP A 30 11.81 -22.31 13.04
CA ASP A 30 13.19 -22.70 13.39
C ASP A 30 13.39 -24.18 13.16
N ASP A 31 14.50 -24.56 12.53
CA ASP A 31 14.84 -25.98 12.47
C ASP A 31 15.10 -26.45 13.88
N GLY A 32 14.66 -27.67 14.18
CA GLY A 32 14.88 -28.31 15.47
C GLY A 32 15.67 -29.60 15.29
N ARG A 33 16.08 -30.19 16.41
CA ARG A 33 16.76 -31.51 16.38
C ARG A 33 15.83 -32.62 15.92
N ASP A 34 14.53 -32.40 16.12
CA ASP A 34 13.51 -33.38 15.76
C ASP A 34 12.83 -33.17 14.38
N GLY A 35 13.00 -32.01 13.77
CA GLY A 35 12.46 -31.76 12.41
C GLY A 35 12.90 -30.46 11.76
N PRO A 36 12.97 -30.43 10.41
CA PRO A 36 13.37 -29.24 9.69
C PRO A 36 12.28 -28.16 9.67
N HIS A 37 12.62 -26.95 9.25
CA HIS A 37 11.65 -25.84 9.27
C HIS A 37 10.59 -25.94 8.15
N VAL A 38 9.45 -25.32 8.43
CA VAL A 38 8.37 -25.14 7.47
C VAL A 38 7.99 -23.65 7.58
N ARG A 39 8.48 -22.89 6.61
CA ARG A 39 8.45 -21.45 6.66
C ARG A 39 7.53 -20.91 5.58
N LEU A 40 6.82 -19.84 5.97
CA LEU A 40 5.96 -19.06 5.09
C LEU A 40 6.63 -17.70 4.89
N TRP A 41 6.65 -17.24 3.64
CA TRP A 41 7.31 -16.02 3.24
C TRP A 41 6.26 -15.27 2.45
N ALA A 42 5.95 -14.04 2.85
CA ALA A 42 4.91 -13.25 2.22
C ALA A 42 5.50 -12.21 1.26
N LYS A 43 5.10 -12.31 -0.01
CA LYS A 43 5.49 -11.36 -1.05
C LYS A 43 4.50 -10.18 -1.10
N LEU A 44 4.93 -8.98 -0.69
CA LEU A 44 3.95 -7.89 -0.42
C LEU A 44 3.68 -7.02 -1.64
N GLU A 45 2.78 -7.48 -2.48
CA GLU A 45 2.49 -6.80 -3.73
C GLU A 45 1.64 -5.56 -3.55
N ASP A 46 1.22 -5.26 -2.32
CA ASP A 46 0.52 -4.00 -2.05
C ASP A 46 1.47 -2.81 -1.99
N ARG A 47 2.77 -3.06 -2.08
CA ARG A 47 3.75 -1.99 -2.07
C ARG A 47 3.93 -1.42 -3.47
N ASN A 48 2.99 -1.68 -4.36
CA ASN A 48 3.03 -1.12 -5.69
C ASN A 48 2.29 0.24 -5.79
N PRO A 49 2.47 0.98 -6.89
CA PRO A 49 1.82 2.27 -7.11
C PRO A 49 0.35 2.40 -6.67
N THR A 50 -0.55 1.51 -7.10
CA THR A 50 -1.97 1.57 -6.71
C THR A 50 -2.39 0.54 -5.63
N GLY A 51 -1.41 -0.11 -5.02
CA GLY A 51 -1.66 -0.98 -3.89
C GLY A 51 -2.00 -2.42 -4.23
N SER A 52 -1.66 -2.88 -5.42
CA SER A 52 -1.90 -4.27 -5.75
C SER A 52 -0.94 -4.80 -6.80
N ILE A 53 -0.95 -6.11 -6.91
CA ILE A 53 -0.12 -6.83 -7.86
C ILE A 53 -0.44 -6.48 -9.32
N1 LLP A 54 -5.83 -11.28 -5.65
C2 LLP A 54 -6.04 -9.97 -6.03
C2' LLP A 54 -6.32 -8.92 -4.98
C3 LLP A 54 -6.02 -9.64 -7.39
O3 LLP A 54 -6.19 -8.45 -7.72
C4 LLP A 54 -5.77 -10.65 -8.36
C4' LLP A 54 -5.71 -10.40 -9.84
C5 LLP A 54 -5.57 -11.97 -7.94
C6 LLP A 54 -5.59 -12.27 -6.60
C5' LLP A 54 -5.30 -13.05 -8.98
OP4 LLP A 54 -4.10 -12.92 -9.76
P LLP A 54 -4.08 -13.38 -11.33
OP1 LLP A 54 -5.10 -12.52 -11.99
OP2 LLP A 54 -2.71 -13.03 -11.76
OP3 LLP A 54 -4.44 -14.81 -11.35
N LLP A 54 -1.64 -5.98 -9.59
CA LLP A 54 -2.06 -5.68 -10.99
CB LLP A 54 -3.56 -5.39 -11.08
CG LLP A 54 -4.45 -6.57 -10.72
CD LLP A 54 -4.03 -7.84 -11.52
CE LLP A 54 -5.13 -8.89 -11.55
NZ LLP A 54 -5.60 -9.10 -10.15
C LLP A 54 -1.33 -4.54 -11.64
O LLP A 54 -1.47 -4.36 -12.83
N ASP A 55 -0.58 -3.76 -10.86
CA ASP A 55 0.31 -2.75 -11.44
C ASP A 55 1.30 -3.40 -12.43
N ARG A 56 1.71 -4.63 -12.12
CA ARG A 56 2.70 -5.29 -12.98
C ARG A 56 2.13 -5.60 -14.37
N PRO A 57 1.07 -6.44 -14.47
CA PRO A 57 0.53 -6.70 -15.80
C PRO A 57 -0.05 -5.46 -16.48
N ALA A 58 -0.64 -4.55 -15.72
CA ALA A 58 -1.21 -3.34 -16.27
C ALA A 58 -0.15 -2.60 -17.08
N VAL A 59 1.00 -2.37 -16.47
CA VAL A 59 2.04 -1.60 -17.12
C VAL A 59 2.62 -2.40 -18.29
N ARG A 60 2.82 -3.71 -18.12
CA ARG A 60 3.42 -4.50 -19.18
C ARG A 60 2.49 -4.63 -20.37
N MET A 61 1.20 -4.79 -20.14
CA MET A 61 0.25 -4.88 -21.25
C MET A 61 0.23 -3.63 -22.12
N ILE A 62 0.31 -2.46 -21.49
CA ILE A 62 0.33 -1.22 -22.23
C ILE A 62 1.61 -1.09 -23.03
N GLU A 63 2.73 -1.44 -22.41
CA GLU A 63 4.03 -1.31 -23.07
C GLU A 63 4.16 -2.33 -24.19
N GLN A 64 3.62 -3.53 -24.00
CA GLN A 64 3.68 -4.55 -25.06
C GLN A 64 2.83 -4.11 -26.25
N ALA A 65 1.71 -3.47 -25.95
CA ALA A 65 0.82 -2.90 -26.94
C ALA A 65 1.50 -1.77 -27.71
N GLU A 66 2.30 -0.97 -27.00
CA GLU A 66 3.08 0.08 -27.65
C GLU A 66 4.13 -0.59 -28.53
N ALA A 67 4.87 -1.54 -27.97
CA ALA A 67 5.87 -2.27 -28.77
C ALA A 67 5.27 -2.83 -30.08
N ASP A 68 4.07 -3.40 -30.00
CA ASP A 68 3.42 -4.01 -31.16
C ASP A 68 2.83 -2.99 -32.14
N GLY A 69 2.91 -1.70 -31.82
CA GLY A 69 2.34 -0.66 -32.65
C GLY A 69 0.83 -0.55 -32.56
N LEU A 70 0.25 -1.04 -31.47
CA LEU A 70 -1.21 -1.00 -31.29
C LEU A 70 -1.67 0.29 -30.62
N LEU A 71 -0.81 0.86 -29.78
CA LEU A 71 -1.14 2.08 -29.02
C LEU A 71 -0.21 3.24 -29.35
N ARG A 72 -0.78 4.43 -29.46
CA ARG A 72 -0.07 5.66 -29.74
C ARG A 72 -0.78 6.84 -29.04
N PRO A 73 -0.23 8.08 -29.13
CA PRO A 73 -0.43 9.15 -28.13
C PRO A 73 -1.81 9.29 -27.48
N GLY A 74 -2.83 9.66 -28.24
CA GLY A 74 -4.16 9.87 -27.67
C GLY A 74 -5.10 8.72 -27.90
N ALA A 75 -4.58 7.49 -27.86
CA ALA A 75 -5.43 6.29 -27.95
C ALA A 75 -6.28 6.12 -26.70
N THR A 76 -7.32 5.29 -26.82
CA THR A 76 -8.19 4.95 -25.73
C THR A 76 -8.06 3.46 -25.48
N ILE A 77 -7.89 3.08 -24.22
CA ILE A 77 -7.90 1.68 -23.84
C ILE A 77 -9.27 1.36 -23.27
N LEU A 78 -9.85 0.27 -23.73
CA LEU A 78 -11.11 -0.25 -23.16
C LEU A 78 -10.78 -1.54 -22.44
N GLU A 79 -11.22 -1.68 -21.20
CA GLU A 79 -11.04 -2.92 -20.47
C GLU A 79 -12.33 -3.28 -19.74
N PRO A 80 -12.79 -4.54 -19.92
CA PRO A 80 -13.91 -5.06 -19.17
C PRO A 80 -13.45 -5.51 -17.77
N THR A 81 -13.44 -4.57 -16.85
CA THR A 81 -12.97 -4.83 -15.50
C THR A 81 -13.65 -3.84 -14.58
N SER A 82 -13.90 -4.27 -13.35
CA SER A 82 -14.23 -3.32 -12.28
C SER A 82 -13.31 -3.43 -11.06
N GLY A 83 -12.32 -4.32 -11.12
CA GLY A 83 -11.41 -4.50 -9.99
C GLY A 83 -10.04 -3.83 -10.09
N ASN A 84 -9.05 -4.53 -9.53
CA ASN A 84 -7.70 -4.00 -9.33
C ASN A 84 -7.01 -3.67 -10.65
N THR A 85 -7.24 -4.47 -11.68
CA THR A 85 -6.68 -4.23 -13.00
C THR A 85 -7.19 -2.91 -13.57
N GLY A 86 -8.46 -2.58 -13.34
CA GLY A 86 -9.00 -1.29 -13.76
C GLY A 86 -8.34 -0.11 -13.06
N ILE A 87 -8.13 -0.25 -11.76
CA ILE A 87 -7.40 0.74 -10.99
C ILE A 87 -5.98 0.91 -11.52
N SER A 88 -5.30 -0.22 -11.74
CA SER A 88 -3.95 -0.21 -12.21
C SER A 88 -3.89 0.36 -13.64
N LEU A 89 -4.80 -0.05 -14.52
CA LEU A 89 -4.77 0.47 -15.89
C LEU A 89 -5.10 1.94 -15.93
N ALA A 90 -5.92 2.41 -14.97
CA ALA A 90 -6.32 3.81 -14.93
C ALA A 90 -5.11 4.67 -14.60
N MET A 91 -4.35 4.23 -13.61
CA MET A 91 -3.12 4.92 -13.24
C MET A 91 -2.06 4.91 -14.35
N ALA A 92 -1.71 3.73 -14.84
CA ALA A 92 -0.71 3.59 -15.90
C ALA A 92 -1.09 4.33 -17.17
N ALA A 93 -2.32 4.11 -17.64
CA ALA A 93 -2.86 4.74 -18.85
C ALA A 93 -2.72 6.24 -18.79
N ARG A 94 -3.13 6.82 -17.66
CA ARG A 94 -3.07 8.25 -17.47
C ARG A 94 -1.65 8.79 -17.45
N LEU A 95 -0.76 8.14 -16.71
CA LEU A 95 0.64 8.56 -16.71
C LEU A 95 1.26 8.42 -18.10
N LYS A 96 0.85 7.42 -18.87
CA LYS A 96 1.38 7.20 -20.23
C LYS A 96 0.66 8.00 -21.31
N GLY A 97 -0.38 8.74 -20.95
CA GLY A 97 -1.08 9.63 -21.87
C GLY A 97 -2.24 9.02 -22.64
N TYR A 98 -2.81 7.93 -22.13
CA TYR A 98 -3.97 7.30 -22.77
C TYR A 98 -5.24 7.57 -21.95
N ARG A 99 -6.38 7.50 -22.62
CA ARG A 99 -7.66 7.51 -21.94
C ARG A 99 -8.03 6.07 -21.63
N LEU A 100 -8.68 5.86 -20.49
CA LEU A 100 -9.10 4.52 -20.08
C LEU A 100 -10.60 4.49 -19.84
N ILE A 101 -11.28 3.58 -20.52
CA ILE A 101 -12.71 3.31 -20.28
C ILE A 101 -12.89 1.91 -19.76
N CYS A 102 -13.47 1.79 -18.57
CA CYS A 102 -13.80 0.51 -17.98
C CYS A 102 -15.25 0.16 -18.30
N VAL A 103 -15.45 -1.05 -18.81
CA VAL A 103 -16.79 -1.57 -19.10
C VAL A 103 -17.17 -2.57 -18.03
N MET A 104 -18.30 -2.35 -17.38
CA MET A 104 -18.75 -3.22 -16.28
C MET A 104 -20.27 -3.36 -16.22
N PRO A 105 -20.76 -4.42 -15.56
CA PRO A 105 -22.22 -4.52 -15.39
C PRO A 105 -22.85 -3.39 -14.55
N GLU A 106 -24.04 -2.95 -14.95
CA GLU A 106 -24.84 -1.95 -14.22
C GLU A 106 -24.94 -2.27 -12.73
N ASN A 107 -25.04 -3.56 -12.47
CA ASN A 107 -25.03 -4.17 -11.13
C ASN A 107 -23.82 -3.83 -10.23
N THR A 108 -22.81 -3.15 -10.76
CA THR A 108 -21.52 -2.99 -10.07
C THR A 108 -21.61 -2.05 -8.87
N SER A 109 -20.92 -2.43 -7.79
CA SER A 109 -20.94 -1.63 -6.55
C SER A 109 -20.40 -0.24 -6.75
N VAL A 110 -21.04 0.72 -6.08
CA VAL A 110 -20.62 2.11 -6.13
C VAL A 110 -19.25 2.26 -5.49
N GLU A 111 -18.98 1.45 -4.47
CA GLU A 111 -17.63 1.35 -3.87
C GLU A 111 -16.59 1.03 -4.94
N ARG A 112 -16.92 0.05 -5.79
CA ARG A 112 -16.04 -0.37 -6.89
C ARG A 112 -15.84 0.77 -7.90
N ARG A 113 -16.95 1.38 -8.30
CA ARG A 113 -16.93 2.44 -9.31
C ARG A 113 -16.16 3.65 -8.85
N GLN A 114 -16.32 3.97 -7.57
CA GLN A 114 -15.72 5.15 -7.00
C GLN A 114 -14.21 5.12 -7.07
N LEU A 115 -13.61 3.96 -6.82
CA LEU A 115 -12.16 3.82 -6.94
C LEU A 115 -11.70 4.15 -8.37
N LEU A 116 -12.36 3.56 -9.37
CA LEU A 116 -11.97 3.76 -10.77
C LEU A 116 -12.11 5.21 -11.21
N GLU A 117 -13.21 5.84 -10.78
CA GLU A 117 -13.47 7.25 -11.08
C GLU A 117 -12.36 8.18 -10.58
N LEU A 118 -11.98 8.06 -9.31
CA LEU A 118 -10.94 8.93 -8.70
C LEU A 118 -9.64 8.91 -9.50
N TYR A 119 -9.25 7.72 -9.96
CA TYR A 119 -8.03 7.57 -10.74
C TYR A 119 -8.18 8.00 -12.19
N GLY A 120 -9.40 8.32 -12.60
CA GLY A 120 -9.65 8.97 -13.87
C GLY A 120 -10.24 8.11 -14.97
N ALA A 121 -10.63 6.89 -14.63
CA ALA A 121 -11.30 6.04 -15.63
C ALA A 121 -12.70 6.59 -15.91
N GLN A 122 -13.13 6.48 -17.17
CA GLN A 122 -14.52 6.66 -17.59
C GLN A 122 -15.16 5.30 -17.49
N ILE A 123 -16.45 5.26 -17.18
CA ILE A 123 -17.14 4.01 -16.91
C ILE A 123 -18.29 3.83 -17.90
N ILE A 124 -18.43 2.63 -18.44
CA ILE A 124 -19.56 2.27 -19.29
C ILE A 124 -20.23 1.04 -18.64
N PHE A 125 -21.54 1.11 -18.45
CA PHE A 125 -22.28 0.00 -17.88
C PHE A 125 -22.99 -0.83 -18.93
N SER A 126 -22.77 -2.15 -18.88
CA SER A 126 -23.52 -3.12 -19.68
C SER A 126 -24.59 -3.81 -18.80
N ALA A 127 -25.42 -4.65 -19.42
CA ALA A 127 -26.58 -5.21 -18.72
C ALA A 127 -26.16 -6.08 -17.56
N ALA A 128 -26.87 -5.94 -16.44
CA ALA A 128 -26.67 -6.75 -15.24
C ALA A 128 -26.80 -8.25 -15.54
N GLU A 129 -27.83 -8.62 -16.30
CA GLU A 129 -28.14 -10.03 -16.60
C GLU A 129 -26.96 -10.75 -17.25
N GLY A 130 -26.30 -10.08 -18.19
CA GLY A 130 -25.23 -10.69 -18.97
C GLY A 130 -23.86 -10.72 -18.29
N GLY A 131 -23.74 -10.11 -17.12
CA GLY A 131 -22.52 -10.20 -16.32
C GLY A 131 -21.26 -9.81 -17.09
N SER A 132 -20.16 -10.50 -16.81
CA SER A 132 -18.86 -10.17 -17.41
C SER A 132 -18.76 -10.58 -18.88
N ASN A 133 -19.42 -11.67 -19.25
CA ASN A 133 -19.48 -12.05 -20.66
C ASN A 133 -20.01 -10.92 -21.55
N THR A 134 -21.07 -10.23 -21.11
CA THR A 134 -21.61 -9.11 -21.87
C THR A 134 -20.69 -7.89 -21.79
N ALA A 135 -20.08 -7.69 -20.61
CA ALA A 135 -19.10 -6.62 -20.40
C ALA A 135 -17.94 -6.75 -21.36
N VAL A 136 -17.42 -7.98 -21.50
CA VAL A 136 -16.32 -8.26 -22.42
C VAL A 136 -16.76 -8.02 -23.88
N ALA A 137 -17.93 -8.54 -24.27
CA ALA A 137 -18.45 -8.36 -25.63
C ALA A 137 -18.66 -6.88 -25.96
N THR A 138 -19.20 -6.15 -24.99
CA THR A 138 -19.37 -4.70 -25.12
C THR A 138 -18.05 -3.95 -25.29
N ALA A 139 -17.05 -4.28 -24.47
CA ALA A 139 -15.70 -3.69 -24.62
C ALA A 139 -15.15 -3.91 -26.03
N LYS A 140 -15.28 -5.15 -26.47
CA LYS A 140 -14.78 -5.55 -27.77
C LYS A 140 -15.52 -4.84 -28.94
N GLU A 141 -16.84 -4.79 -28.87
CA GLU A 141 -17.62 -4.05 -29.89
C GLU A 141 -17.28 -2.56 -29.89
N LEU A 142 -17.07 -1.99 -28.72
CA LEU A 142 -16.66 -0.58 -28.62
C LEU A 142 -15.29 -0.35 -29.26
N ALA A 143 -14.33 -1.22 -28.94
CA ALA A 143 -12.95 -1.07 -29.47
C ALA A 143 -12.94 -1.17 -30.98
N ALA A 144 -13.83 -1.98 -31.53
CA ALA A 144 -13.94 -2.15 -32.97
C ALA A 144 -14.40 -0.88 -33.70
N THR A 145 -14.93 0.13 -32.99
CA THR A 145 -15.42 1.35 -33.64
C THR A 145 -14.32 2.31 -34.05
N ASN A 146 -13.09 2.15 -33.53
CA ASN A 146 -11.92 2.66 -34.26
C ASN A 146 -10.52 2.14 -33.95
N PRO A 147 -9.60 2.30 -34.94
CA PRO A 147 -8.29 1.65 -34.85
C PRO A 147 -7.43 2.21 -33.72
N SER A 148 -7.80 3.37 -33.21
CA SER A 148 -7.13 4.06 -32.11
C SER A 148 -7.72 3.68 -30.71
N TRP A 149 -8.79 2.89 -30.72
CA TRP A 149 -9.42 2.38 -29.50
C TRP A 149 -9.02 0.91 -29.36
N VAL A 150 -8.39 0.54 -28.24
CA VAL A 150 -7.78 -0.79 -28.10
C VAL A 150 -8.28 -1.48 -26.81
N MET A 151 -8.58 -2.77 -26.91
CA MET A 151 -8.92 -3.58 -25.74
C MET A 151 -7.73 -4.49 -25.43
N LEU A 152 -7.26 -4.50 -24.18
CA LEU A 152 -6.02 -5.22 -23.85
C LEU A 152 -6.30 -6.68 -23.57
N TYR A 153 -7.47 -6.91 -23.01
CA TYR A 153 -7.98 -8.26 -22.68
C TYR A 153 -7.08 -9.05 -21.73
N GLN A 154 -7.16 -8.72 -20.44
CA GLN A 154 -6.24 -9.28 -19.43
C GLN A 154 -6.33 -10.83 -19.27
N TYR A 155 -7.44 -11.44 -19.68
CA TYR A 155 -7.60 -12.89 -19.54
C TYR A 155 -6.85 -13.67 -20.62
N GLY A 156 -6.45 -12.99 -21.69
CA GLY A 156 -5.75 -13.65 -22.81
C GLY A 156 -4.45 -13.00 -23.22
N ASN A 157 -4.07 -11.91 -22.56
CA ASN A 157 -2.93 -11.14 -22.99
C ASN A 157 -1.61 -11.71 -22.41
N PRO A 158 -0.74 -12.24 -23.29
CA PRO A 158 0.51 -12.86 -22.85
C PRO A 158 1.44 -11.93 -22.06
N ALA A 159 1.28 -10.62 -22.22
CA ALA A 159 2.00 -9.62 -21.43
C ALA A 159 1.65 -9.67 -19.93
N ASN A 160 0.47 -10.17 -19.61
CA ASN A 160 0.03 -10.37 -18.22
C ASN A 160 0.95 -11.41 -17.60
N THR A 161 0.97 -12.61 -18.19
CA THR A 161 1.86 -13.68 -17.83
C THR A 161 3.31 -13.18 -17.81
N ASP A 162 3.73 -12.52 -18.87
CA ASP A 162 5.14 -12.13 -19.04
C ASP A 162 5.60 -11.20 -17.91
N SER A 163 4.70 -10.37 -17.39
CA SER A 163 5.01 -9.45 -16.29
C SER A 163 5.44 -10.20 -15.00
N HIS A 164 4.94 -11.41 -14.83
CA HIS A 164 5.33 -12.25 -13.70
C HIS A 164 6.55 -13.08 -13.99
N TYR A 165 6.71 -13.46 -15.27
CA TYR A 165 7.82 -14.26 -15.71
C TYR A 165 9.14 -13.45 -15.60
N CYS A 166 9.01 -12.15 -15.91
CA CYS A 166 10.12 -11.22 -15.89
C CYS A 166 10.26 -10.38 -14.63
N GLY A 167 9.25 -10.38 -13.75
CA GLY A 167 9.28 -9.57 -12.54
C GLY A 167 9.14 -10.44 -11.30
N THR A 168 7.92 -10.86 -11.00
CA THR A 168 7.58 -11.59 -9.78
C THR A 168 8.50 -12.82 -9.57
N GLY A 169 8.67 -13.62 -10.62
CA GLY A 169 9.44 -14.85 -10.56
C GLY A 169 10.88 -14.64 -10.19
N PRO A 170 11.63 -13.85 -10.99
CA PRO A 170 13.02 -13.51 -10.70
C PRO A 170 13.24 -12.86 -9.36
N GLU A 171 12.32 -12.01 -8.91
CA GLU A 171 12.43 -11.41 -7.58
C GLU A 171 12.37 -12.45 -6.48
N LEU A 172 11.48 -13.42 -6.66
CA LEU A 172 11.30 -14.48 -5.70
C LEU A 172 12.50 -15.39 -5.62
N LEU A 173 13.05 -15.76 -6.79
CA LEU A 173 14.21 -16.62 -6.81
C LEU A 173 15.40 -15.91 -6.16
N ALA A 174 15.53 -14.60 -6.39
CA ALA A 174 16.59 -13.80 -5.85
C ALA A 174 16.49 -13.72 -4.33
N ASP A 175 15.29 -13.48 -3.80
CA ASP A 175 15.11 -13.37 -2.34
C ASP A 175 14.99 -14.73 -1.63
N LEU A 176 14.58 -15.78 -2.34
CA LEU A 176 14.32 -17.08 -1.74
C LEU A 176 14.82 -18.22 -2.64
N PRO A 177 16.15 -18.34 -2.80
CA PRO A 177 16.68 -19.41 -3.65
C PRO A 177 16.29 -20.81 -3.15
N GLU A 178 15.96 -20.93 -1.87
CA GLU A 178 15.60 -22.20 -1.24
C GLU A 178 14.11 -22.52 -1.38
N ILE A 179 13.41 -21.76 -2.23
CA ILE A 179 11.97 -21.93 -2.41
C ILE A 179 11.62 -23.38 -2.81
N THR A 180 10.66 -23.96 -2.09
CA THR A 180 10.09 -25.25 -2.44
C THR A 180 8.68 -25.14 -3.03
N HIS A 181 7.90 -24.12 -2.61
CA HIS A 181 6.50 -23.93 -3.05
C HIS A 181 6.17 -22.49 -3.33
N PHE A 182 5.38 -22.26 -4.38
CA PHE A 182 4.80 -20.95 -4.66
C PHE A 182 3.28 -21.08 -4.63
N VAL A 183 2.63 -20.20 -3.85
CA VAL A 183 1.18 -20.20 -3.68
C VAL A 183 0.61 -18.82 -4.01
N ALA A 184 -0.40 -18.80 -4.87
CA ALA A 184 -1.03 -17.58 -5.27
C ALA A 184 -2.45 -17.91 -5.66
N GLY A 185 -3.31 -16.90 -5.61
CA GLY A 185 -4.69 -17.07 -6.05
C GLY A 185 -4.78 -17.09 -7.55
N LEU A 186 -5.85 -17.69 -8.02
CA LEU A 186 -6.13 -17.84 -9.43
C LEU A 186 -7.28 -16.92 -9.85
N GLY A 187 -7.00 -15.88 -10.64
CA GLY A 187 -7.99 -14.95 -11.19
C GLY A 187 -7.88 -14.96 -12.70
N THR A 188 -7.04 -14.11 -13.27
CA THR A 188 -6.64 -14.20 -14.70
C THR A 188 -5.72 -15.37 -14.99
N THR A 189 -5.07 -15.88 -13.94
CA THR A 189 -4.02 -16.93 -13.96
C THR A 189 -2.60 -16.44 -14.27
N GLY A 190 -2.47 -15.15 -14.54
CA GLY A 190 -1.18 -14.58 -14.92
C GLY A 190 -0.08 -14.82 -13.90
N THR A 191 -0.39 -14.60 -12.62
CA THR A 191 0.58 -14.74 -11.56
C THR A 191 1.10 -16.14 -11.50
N LEU A 192 0.19 -17.11 -11.47
CA LEU A 192 0.57 -18.51 -11.38
C LEU A 192 1.29 -18.96 -12.64
N MET A 193 0.76 -18.54 -13.79
CA MET A 193 1.29 -18.98 -15.05
C MET A 193 2.68 -18.44 -15.31
N GLY A 194 2.89 -17.15 -15.03
CA GLY A 194 4.20 -16.52 -15.29
C GLY A 194 5.22 -16.82 -14.22
N THR A 195 4.88 -16.56 -12.96
CA THR A 195 5.79 -16.91 -11.85
C THR A 195 6.11 -18.41 -11.86
N GLY A 196 5.08 -19.23 -12.09
CA GLY A 196 5.21 -20.69 -12.08
C GLY A 196 6.10 -21.20 -13.19
N ARG A 197 5.92 -20.69 -14.40
CA ARG A 197 6.83 -21.09 -15.48
C ARG A 197 8.27 -20.71 -15.19
N PHE A 198 8.50 -19.47 -14.73
CA PHE A 198 9.87 -19.04 -14.39
C PHE A 198 10.48 -19.97 -13.33
N LEU A 199 9.77 -20.15 -12.24
CA LEU A 199 10.27 -20.96 -11.13
C LEU A 199 10.51 -22.42 -11.52
N ARG A 200 9.64 -23.02 -12.34
CA ARG A 200 9.87 -24.40 -12.81
C ARG A 200 11.08 -24.53 -13.71
N GLU A 201 11.42 -23.46 -14.40
CA GLU A 201 12.60 -23.44 -15.28
C GLU A 201 13.90 -23.28 -14.48
N HIS A 202 13.82 -22.73 -13.28
CA HIS A 202 15.02 -22.38 -12.55
C HIS A 202 15.19 -23.06 -11.21
N VAL A 203 14.16 -23.75 -10.71
CA VAL A 203 14.23 -24.34 -9.38
C VAL A 203 13.76 -25.78 -9.50
N ALA A 204 14.70 -26.70 -9.36
CA ALA A 204 14.39 -28.12 -9.44
C ALA A 204 13.36 -28.48 -8.36
N ASN A 205 12.32 -29.20 -8.77
CA ASN A 205 11.29 -29.75 -7.88
C ASN A 205 10.37 -28.74 -7.15
N VAL A 206 10.35 -27.47 -7.57
CA VAL A 206 9.42 -26.48 -7.03
C VAL A 206 7.96 -26.85 -7.31
N LYS A 207 7.09 -26.64 -6.31
CA LYS A 207 5.64 -26.86 -6.50
C LYS A 207 4.93 -25.51 -6.67
N ILE A 208 3.99 -25.47 -7.59
CA ILE A 208 3.19 -24.28 -7.88
C ILE A 208 1.76 -24.64 -7.49
N VAL A 209 1.26 -23.92 -6.49
CA VAL A 209 -0.01 -24.23 -5.86
C VAL A 209 -1.02 -23.07 -6.06
N ALA A 210 -2.17 -23.38 -6.69
CA ALA A 210 -3.26 -22.40 -6.88
C ALA A 210 -4.23 -22.46 -5.71
N ALA A 211 -4.72 -21.30 -5.31
CA ALA A 211 -5.80 -21.17 -4.37
C ALA A 211 -7.00 -20.61 -5.14
N GLU A 212 -8.15 -21.27 -5.03
CA GLU A 212 -9.34 -20.93 -5.81
C GLU A 212 -10.54 -20.98 -4.91
N PRO A 213 -11.60 -20.25 -5.24
CA PRO A 213 -12.77 -20.33 -4.41
C PRO A 213 -13.55 -21.64 -4.65
N ARG A 214 -14.33 -22.04 -3.64
CA ARG A 214 -15.28 -23.13 -3.80
C ARG A 214 -16.33 -22.68 -4.78
N TYR A 215 -16.87 -23.65 -5.51
CA TYR A 215 -17.90 -23.37 -6.50
C TYR A 215 -19.05 -22.70 -5.79
N GLY A 216 -19.42 -21.52 -6.25
CA GLY A 216 -20.62 -20.83 -5.77
C GLY A 216 -20.33 -19.84 -4.66
N GLU A 217 -19.13 -19.93 -4.08
CA GLU A 217 -18.70 -19.09 -2.95
C GLU A 217 -17.60 -18.17 -3.43
N GLY A 218 -17.99 -17.01 -3.95
CA GLY A 218 -17.02 -16.07 -4.47
C GLY A 218 -16.02 -15.55 -3.47
N VAL A 219 -14.78 -15.37 -3.91
CA VAL A 219 -13.74 -14.63 -3.19
C VAL A 219 -13.25 -13.57 -4.16
N TYR A 220 -13.30 -12.31 -3.74
CA TYR A 220 -12.98 -11.18 -4.62
C TYR A 220 -11.67 -11.39 -5.33
N ALA A 221 -11.67 -11.13 -6.64
CA ALA A 221 -10.48 -11.22 -7.49
C ALA A 221 -10.09 -12.64 -7.90
N LEU A 222 -10.73 -13.63 -7.30
CA LEU A 222 -10.43 -15.03 -7.58
C LEU A 222 -11.56 -15.63 -8.36
N ARG A 223 -11.26 -16.72 -9.05
CA ARG A 223 -12.19 -17.38 -9.96
C ARG A 223 -12.13 -18.88 -9.75
N ASN A 224 -13.29 -19.52 -9.67
CA ASN A 224 -13.35 -20.98 -9.77
C ASN A 224 -13.50 -21.35 -11.27
N MET A 225 -12.59 -22.18 -11.78
CA MET A 225 -12.52 -22.45 -13.23
C MET A 225 -13.58 -23.45 -13.70
N ASP A 226 -14.11 -24.27 -12.80
CA ASP A 226 -15.30 -25.06 -13.11
C ASP A 226 -16.50 -24.14 -13.32
N GLU A 227 -16.71 -23.25 -12.37
CA GLU A 227 -17.85 -22.36 -12.38
C GLU A 227 -17.77 -21.29 -13.46
N GLY A 228 -16.57 -20.84 -13.78
CA GLY A 228 -16.41 -19.63 -14.60
C GLY A 228 -15.80 -19.91 -15.95
N PHE A 229 -15.65 -18.85 -16.74
CA PHE A 229 -14.91 -18.94 -17.99
C PHE A 229 -13.42 -19.13 -17.64
N VAL A 230 -12.77 -20.10 -18.28
CA VAL A 230 -11.36 -20.32 -18.08
C VAL A 230 -10.55 -19.35 -18.94
N PRO A 231 -9.74 -18.50 -18.30
CA PRO A 231 -8.90 -17.61 -19.09
C PRO A 231 -8.02 -18.31 -20.12
N GLU A 232 -7.94 -17.73 -21.31
CA GLU A 232 -7.08 -18.24 -22.37
C GLU A 232 -5.58 -18.36 -21.94
N LEU A 233 -5.16 -17.58 -20.94
CA LEU A 233 -3.79 -17.67 -20.38
C LEU A 233 -3.53 -18.99 -19.67
N TYR A 234 -4.59 -19.68 -19.26
CA TYR A 234 -4.44 -20.80 -18.37
C TYR A 234 -3.78 -21.96 -19.09
N ASP A 235 -2.71 -22.47 -18.48
CA ASP A 235 -2.06 -23.71 -18.88
C ASP A 235 -2.09 -24.64 -17.66
N PRO A 236 -2.92 -25.70 -17.72
CA PRO A 236 -3.06 -26.60 -16.55
C PRO A 236 -1.76 -27.35 -16.19
N GLU A 237 -0.91 -27.61 -17.18
CA GLU A 237 0.40 -28.24 -16.94
C GLU A 237 1.28 -27.51 -15.91
N ILE A 238 1.12 -26.22 -15.73
CA ILE A 238 1.96 -25.42 -14.84
C ILE A 238 1.76 -25.73 -13.37
N LEU A 239 0.52 -25.98 -12.96
CA LEU A 239 0.20 -26.21 -11.53
C LEU A 239 0.57 -27.62 -11.07
N THR A 240 1.02 -27.74 -9.82
CA THR A 240 1.11 -29.06 -9.20
C THR A 240 -0.09 -29.32 -8.32
N ALA A 241 -0.81 -28.28 -7.92
CA ALA A 241 -1.90 -28.45 -6.98
C ALA A 241 -2.83 -27.26 -7.00
N ARG A 242 -4.09 -27.57 -6.78
CA ARG A 242 -5.12 -26.56 -6.61
C ARG A 242 -5.94 -26.85 -5.33
N TYR A 243 -6.18 -25.80 -4.53
CA TYR A 243 -6.88 -25.91 -3.28
C TYR A 243 -8.10 -25.01 -3.38
N SER A 244 -9.29 -25.55 -3.13
CA SER A 244 -10.50 -24.73 -2.99
C SER A 244 -10.61 -24.26 -1.56
N VAL A 245 -11.04 -23.02 -1.38
CA VAL A 245 -11.12 -22.39 -0.07
C VAL A 245 -12.48 -21.70 0.06
N GLY A 246 -13.20 -22.02 1.13
CA GLY A 246 -14.44 -21.36 1.43
C GLY A 246 -14.23 -19.95 1.93
N ALA A 247 -15.29 -19.15 1.80
CA ALA A 247 -15.31 -17.75 2.22
C ALA A 247 -14.91 -17.58 3.69
N VAL A 248 -15.44 -18.44 4.56
CA VAL A 248 -15.14 -18.38 5.99
C VAL A 248 -13.66 -18.66 6.27
N ASP A 249 -13.08 -19.67 5.63
CA ASP A 249 -11.65 -19.90 5.79
C ASP A 249 -10.85 -18.69 5.25
N ALA A 250 -11.26 -18.11 4.13
CA ALA A 250 -10.51 -16.95 3.56
C ALA A 250 -10.51 -15.76 4.51
N VAL A 251 -11.69 -15.48 5.07
CA VAL A 251 -11.87 -14.43 6.04
C VAL A 251 -11.14 -14.72 7.35
N ARG A 252 -11.26 -15.91 7.92
CA ARG A 252 -10.54 -16.16 9.19
C ARG A 252 -9.02 -16.03 9.03
N ARG A 253 -8.46 -16.45 7.90
CA ARG A 253 -7.00 -16.33 7.69
C ARG A 253 -6.54 -14.88 7.48
N THR A 254 -7.35 -14.09 6.79
CA THR A 254 -7.08 -12.65 6.63
C THR A 254 -6.98 -11.98 7.98
N ARG A 255 -7.89 -12.31 8.90
CA ARG A 255 -7.88 -11.73 10.25
C ARG A 255 -6.65 -12.17 11.04
N GLU A 256 -6.40 -13.47 11.00
CA GLU A 256 -5.26 -14.11 11.65
C GLU A 256 -3.92 -13.48 11.23
N LEU A 257 -3.79 -13.18 9.95
CA LEU A 257 -2.57 -12.59 9.40
C LEU A 257 -2.27 -11.20 9.97
N VAL A 258 -3.30 -10.37 10.10
CA VAL A 258 -3.08 -9.02 10.65
C VAL A 258 -2.87 -9.07 12.18
N HIS A 259 -3.58 -9.95 12.87
CA HIS A 259 -3.47 -10.13 14.33
C HIS A 259 -2.09 -10.62 14.72
N THR A 260 -1.56 -11.57 13.95
CA THR A 260 -0.36 -12.28 14.28
C THR A 260 0.92 -11.75 13.63
N GLU A 261 0.81 -11.23 12.40
CA GLU A 261 1.97 -10.77 11.65
C GLU A 261 1.94 -9.29 11.31
N GLY A 262 0.80 -8.64 11.56
CA GLY A 262 0.71 -7.17 11.42
C GLY A 262 0.58 -6.75 9.98
N ILE A 263 0.27 -7.70 9.10
CA ILE A 263 0.08 -7.47 7.68
C ILE A 263 -1.42 -7.45 7.39
N PHE A 264 -1.90 -6.30 6.92
CA PHE A 264 -3.30 -6.04 6.65
C PHE A 264 -3.56 -6.23 5.16
N ALA A 265 -4.05 -7.43 4.80
CA ALA A 265 -4.17 -7.88 3.43
C ALA A 265 -5.63 -8.03 3.02
N GLY A 266 -5.87 -8.13 1.72
CA GLY A 266 -7.22 -8.31 1.21
C GLY A 266 -7.65 -9.75 1.30
N ILE A 267 -8.88 -10.02 0.86
CA ILE A 267 -9.43 -11.33 1.11
C ILE A 267 -8.85 -12.46 0.24
N SER A 268 -8.31 -12.17 -0.96
CA SER A 268 -7.66 -13.22 -1.76
C SER A 268 -6.44 -13.78 -1.04
N THR A 269 -5.81 -12.94 -0.23
CA THR A 269 -4.63 -13.34 0.52
C THR A 269 -4.99 -14.36 1.63
N GLY A 270 -6.18 -14.20 2.20
CA GLY A 270 -6.72 -15.19 3.14
C GLY A 270 -6.85 -16.56 2.53
N ALA A 271 -7.32 -16.61 1.29
CA ALA A 271 -7.45 -17.87 0.59
C ALA A 271 -6.08 -18.48 0.28
N VAL A 272 -5.15 -17.64 -0.16
CA VAL A 272 -3.74 -18.02 -0.37
C VAL A 272 -3.11 -18.52 0.92
N LEU A 273 -3.30 -17.79 2.01
CA LEU A 273 -2.77 -18.26 3.27
C LEU A 273 -3.39 -19.61 3.68
N HIS A 274 -4.69 -19.80 3.46
CA HIS A 274 -5.33 -21.06 3.86
C HIS A 274 -4.67 -22.21 3.13
N ALA A 275 -4.45 -22.06 1.81
CA ALA A 275 -3.76 -23.06 0.99
C ALA A 275 -2.30 -23.28 1.43
N ALA A 276 -1.58 -22.18 1.70
CA ALA A 276 -0.18 -22.24 2.15
C ALA A 276 -0.01 -22.98 3.48
N LEU A 277 -0.89 -22.68 4.43
CA LEU A 277 -0.86 -23.38 5.73
C LEU A 277 -1.23 -24.84 5.56
N GLY A 278 -2.16 -25.13 4.65
CA GLY A 278 -2.45 -26.52 4.33
C GLY A 278 -1.22 -27.24 3.75
N VAL A 279 -0.53 -26.63 2.79
CA VAL A 279 0.73 -27.18 2.27
C VAL A 279 1.80 -27.30 3.38
N GLY A 280 1.89 -26.27 4.20
CA GLY A 280 2.80 -26.30 5.34
C GLY A 280 2.53 -27.40 6.37
N ALA A 281 1.25 -27.61 6.70
CA ALA A 281 0.87 -28.63 7.70
C ALA A 281 1.25 -30.03 7.23
N GLY A 282 1.10 -30.25 5.93
CA GLY A 282 1.50 -31.47 5.29
C GLY A 282 3.00 -31.70 5.29
N ALA A 283 3.77 -30.67 4.97
CA ALA A 283 5.23 -30.77 5.07
C ALA A 283 5.64 -31.11 6.49
N LEU A 284 5.00 -30.46 7.46
CA LEU A 284 5.35 -30.65 8.86
C LEU A 284 5.08 -32.09 9.29
N ALA A 285 3.88 -32.59 8.98
CA ALA A 285 3.48 -33.96 9.30
C ALA A 285 4.38 -35.01 8.62
N ALA A 286 4.81 -34.72 7.40
CA ALA A 286 5.70 -35.60 6.64
C ALA A 286 7.17 -35.47 7.07
N GLY A 287 7.48 -34.50 7.91
CA GLY A 287 8.87 -34.24 8.30
C GLY A 287 9.71 -33.66 7.17
N GLU A 288 9.07 -32.95 6.24
CA GLU A 288 9.77 -32.38 5.08
C GLU A 288 10.13 -30.91 5.35
N ARG A 289 11.24 -30.49 4.79
CA ARG A 289 11.61 -29.08 4.84
C ARG A 289 10.84 -28.32 3.76
N ALA A 290 10.35 -27.13 4.08
CA ALA A 290 9.60 -26.33 3.14
C ALA A 290 9.82 -24.85 3.38
N ASP A 291 9.93 -24.14 2.27
CA ASP A 291 9.98 -22.66 2.22
C ASP A 291 8.93 -22.19 1.20
N ILE A 292 7.81 -21.72 1.74
CA ILE A 292 6.62 -21.49 0.97
C ILE A 292 6.42 -19.99 0.80
N ALA A 293 6.56 -19.52 -0.43
CA ALA A 293 6.31 -18.13 -0.77
C ALA A 293 4.83 -17.99 -1.20
N LEU A 294 4.17 -17.00 -0.63
CA LEU A 294 2.77 -16.77 -0.92
C LEU A 294 2.57 -15.29 -1.28
N VAL A 295 1.63 -15.03 -2.19
CA VAL A 295 1.38 -13.68 -2.66
C VAL A 295 0.36 -12.99 -1.79
N VAL A 296 0.73 -11.80 -1.33
CA VAL A 296 -0.18 -10.83 -0.72
C VAL A 296 -0.51 -9.82 -1.80
N ALA A 297 -1.64 -10.00 -2.46
CA ALA A 297 -1.89 -9.30 -3.73
C ALA A 297 -2.38 -7.88 -3.57
N ASP A 298 -3.01 -7.58 -2.44
CA ASP A 298 -3.48 -6.24 -2.15
C ASP A 298 -3.74 -6.09 -0.65
N ALA A 299 -4.00 -4.86 -0.21
CA ALA A 299 -4.17 -4.57 1.19
C ALA A 299 -5.64 -4.66 1.58
N GLY A 300 -5.88 -4.63 2.88
CA GLY A 300 -7.22 -4.76 3.43
C GLY A 300 -8.13 -3.56 3.22
N TRP A 301 -7.55 -2.40 2.93
CA TRP A 301 -8.32 -1.14 2.90
C TRP A 301 -9.60 -1.20 2.12
N LYS A 302 -9.56 -1.69 0.89
CA LYS A 302 -10.76 -1.63 0.06
C LYS A 302 -11.82 -2.61 0.51
N TYR A 303 -11.48 -3.53 1.40
CA TYR A 303 -12.42 -4.55 1.83
C TYR A 303 -13.10 -4.22 3.18
N LEU A 304 -12.70 -3.14 3.86
CA LEU A 304 -13.21 -2.93 5.22
C LEU A 304 -14.70 -2.58 5.29
N SER A 305 -15.24 -1.95 4.25
CA SER A 305 -16.68 -1.69 4.15
C SER A 305 -17.58 -2.93 4.04
N THR A 306 -16.98 -4.12 4.11
CA THR A 306 -17.66 -5.39 3.78
C THR A 306 -17.87 -6.23 5.03
N GLY A 307 -17.63 -5.63 6.19
CA GLY A 307 -17.71 -6.36 7.45
C GLY A 307 -16.76 -7.55 7.62
N ALA A 308 -15.87 -7.77 6.65
CA ALA A 308 -14.99 -8.96 6.71
C ALA A 308 -13.89 -8.87 7.77
N TYR A 309 -13.75 -7.73 8.43
CA TYR A 309 -12.70 -7.61 9.44
C TYR A 309 -13.26 -7.47 10.87
N ALA A 310 -14.53 -7.10 10.98
CA ALA A 310 -15.21 -7.01 12.27
C ALA A 310 -16.41 -7.97 12.29
N GLY A 311 -16.90 -8.28 13.50
CA GLY A 311 -18.11 -9.08 13.65
C GLY A 311 -17.81 -10.56 13.50
N SER A 312 -18.86 -11.36 13.32
CA SER A 312 -18.71 -12.80 13.35
C SER A 312 -18.37 -13.31 11.96
N LEU A 313 -17.72 -14.47 11.91
CA LEU A 313 -17.36 -15.08 10.65
C LEU A 313 -18.60 -15.42 9.80
N ASP A 314 -19.69 -15.81 10.45
CA ASP A 314 -20.95 -16.06 9.75
C ASP A 314 -21.44 -14.83 8.99
N ASP A 315 -21.45 -13.68 9.66
CA ASP A 315 -21.85 -12.39 9.07
C ASP A 315 -20.93 -11.93 7.93
N ALA A 316 -19.63 -12.24 8.03
CA ALA A 316 -18.64 -11.80 7.04
C ALA A 316 -18.79 -12.50 5.68
N HIS B 3 20.07 -12.01 -2.18
CA HIS B 3 18.85 -11.31 -1.65
C HIS B 3 18.86 -9.81 -1.97
N MET B 4 17.68 -9.23 -2.23
CA MET B 4 17.52 -7.80 -2.39
C MET B 4 16.45 -7.19 -1.50
N ALA B 5 15.38 -7.91 -1.25
CA ALA B 5 14.34 -7.38 -0.35
C ALA B 5 13.69 -8.46 0.51
N ARG B 6 14.54 -9.33 1.10
CA ARG B 6 14.13 -10.40 2.01
C ARG B 6 14.32 -9.97 3.48
N TYR B 7 13.23 -10.00 4.26
CA TYR B 7 13.22 -9.58 5.66
C TYR B 7 12.67 -10.68 6.53
N ASP B 8 13.19 -10.78 7.74
CA ASP B 8 12.73 -11.81 8.66
C ASP B 8 11.48 -11.32 9.42
N SER B 9 11.23 -10.03 9.33
CA SER B 9 10.12 -9.41 10.03
C SER B 9 9.63 -8.20 9.25
N LEU B 10 8.33 -7.98 9.26
CA LEU B 10 7.75 -6.76 8.77
C LEU B 10 8.42 -5.49 9.26
N LEU B 11 8.85 -5.48 10.51
CA LEU B 11 9.59 -4.37 11.07
C LEU B 11 10.81 -3.88 10.30
N GLN B 12 11.52 -4.80 9.68
CA GLN B 12 12.72 -4.45 8.93
C GLN B 12 12.42 -3.77 7.60
N ALA B 13 11.17 -3.86 7.14
CA ALA B 13 10.79 -3.30 5.87
C ALA B 13 10.18 -1.91 6.05
N LEU B 14 10.67 -1.20 7.04
CA LEU B 14 10.19 0.15 7.37
C LEU B 14 11.20 1.13 6.76
N GLY B 15 10.72 2.28 6.30
CA GLY B 15 11.62 3.31 5.77
C GLY B 15 12.08 2.99 4.36
N ASN B 16 13.16 3.62 3.94
CA ASN B 16 13.68 3.51 2.56
C ASN B 16 12.60 3.65 1.51
N THR B 17 11.72 4.62 1.71
CA THR B 17 10.56 4.81 0.86
C THR B 17 10.94 5.51 -0.45
N PRO B 18 10.15 5.29 -1.52
CA PRO B 18 10.52 5.91 -2.77
C PRO B 18 10.33 7.43 -2.74
N LEU B 19 11.15 8.10 -3.52
CA LEU B 19 11.03 9.52 -3.80
C LEU B 19 10.76 9.64 -5.30
N VAL B 20 9.57 10.12 -5.64
CA VAL B 20 9.12 10.11 -7.03
C VAL B 20 8.89 11.52 -7.58
N GLY B 21 9.44 11.77 -8.77
CA GLY B 21 9.29 13.06 -9.45
C GLY B 21 7.87 13.24 -9.94
N LEU B 22 7.30 14.43 -9.71
CA LEU B 22 5.96 14.75 -10.19
C LEU B 22 6.12 15.61 -11.44
N GLN B 23 6.28 14.96 -12.59
CA GLN B 23 6.62 15.67 -13.82
C GLN B 23 5.50 16.55 -14.36
N ARG B 24 4.25 16.15 -14.16
CA ARG B 24 3.10 16.92 -14.64
C ARG B 24 2.75 18.06 -13.70
N LEU B 25 2.77 17.80 -12.40
CA LEU B 25 2.35 18.77 -11.40
C LEU B 25 3.44 19.80 -11.04
N SER B 26 4.68 19.52 -11.43
CA SER B 26 5.82 20.40 -11.19
C SER B 26 5.71 21.66 -12.05
N PRO B 27 5.82 22.85 -11.45
CA PRO B 27 5.75 24.08 -12.26
C PRO B 27 6.63 24.01 -13.51
N ARG B 28 7.90 23.64 -13.34
CA ARG B 28 8.77 23.40 -14.48
C ARG B 28 9.73 22.23 -14.24
N TRP B 29 9.45 21.08 -14.84
CA TRP B 29 10.33 19.92 -14.65
C TRP B 29 11.64 20.06 -15.41
N ASP B 30 11.58 20.51 -16.67
CA ASP B 30 12.78 20.60 -17.49
C ASP B 30 13.42 21.98 -17.43
N ASP B 31 14.76 22.03 -17.45
CA ASP B 31 15.46 23.30 -17.65
C ASP B 31 15.32 23.67 -19.12
N GLY B 32 15.05 24.94 -19.39
CA GLY B 32 14.85 25.38 -20.77
C GLY B 32 15.02 26.87 -20.99
N ARG B 33 14.30 27.38 -21.97
CA ARG B 33 14.50 28.74 -22.47
C ARG B 33 14.07 29.78 -21.44
N ASP B 34 12.99 29.49 -20.72
CA ASP B 34 12.42 30.47 -19.79
C ASP B 34 13.00 30.38 -18.38
N GLY B 35 14.00 29.51 -18.19
CA GLY B 35 14.70 29.45 -16.91
C GLY B 35 14.79 28.06 -16.27
N PRO B 36 15.48 27.99 -15.10
CA PRO B 36 15.77 26.72 -14.44
C PRO B 36 14.54 25.99 -13.92
N HIS B 37 14.68 24.68 -13.78
CA HIS B 37 13.56 23.84 -13.36
C HIS B 37 13.12 24.15 -11.93
N VAL B 38 11.82 23.95 -11.70
CA VAL B 38 11.24 23.98 -10.37
C VAL B 38 10.53 22.63 -10.24
N ARG B 39 11.14 21.73 -9.49
CA ARG B 39 10.68 20.35 -9.41
C ARG B 39 10.10 19.97 -8.05
N LEU B 40 9.07 19.14 -8.11
CA LEU B 40 8.38 18.59 -6.96
C LEU B 40 8.67 17.11 -6.92
N TRP B 41 9.07 16.62 -5.74
CA TRP B 41 9.42 15.21 -5.53
C TRP B 41 8.61 14.71 -4.33
N ALA B 42 7.78 13.68 -4.54
CA ALA B 42 6.91 13.13 -3.48
C ALA B 42 7.64 12.00 -2.76
N LYS B 43 7.72 12.10 -1.44
CA LYS B 43 8.35 11.07 -0.60
C LYS B 43 7.22 10.18 -0.06
N LEU B 44 7.13 8.94 -0.57
CA LEU B 44 5.93 8.10 -0.43
C LEU B 44 5.92 7.27 0.86
N GLU B 45 5.52 7.91 1.95
CA GLU B 45 5.51 7.30 3.29
C GLU B 45 4.36 6.33 3.54
N ASP B 46 3.44 6.20 2.59
CA ASP B 46 2.44 5.14 2.63
C ASP B 46 2.98 3.76 2.25
N ARG B 47 4.25 3.68 1.86
CA ARG B 47 4.88 2.40 1.54
C ARG B 47 5.49 1.73 2.79
N ASN B 48 5.12 2.24 3.97
CA ASN B 48 5.50 1.64 5.23
C ASN B 48 4.53 0.51 5.62
N PRO B 49 4.95 -0.38 6.54
CA PRO B 49 4.12 -1.53 6.91
C PRO B 49 2.63 -1.24 7.12
N THR B 50 2.27 -0.18 7.82
CA THR B 50 0.83 0.05 8.06
C THR B 50 0.25 1.13 7.18
N GLY B 51 1.07 1.66 6.29
CA GLY B 51 0.60 2.63 5.29
C GLY B 51 0.71 4.09 5.69
N SER B 52 1.59 4.39 6.64
CA SER B 52 1.78 5.78 7.02
C SER B 52 3.17 6.02 7.59
N ILE B 53 3.51 7.30 7.69
CA ILE B 53 4.83 7.71 8.13
C ILE B 53 5.04 7.41 9.62
N1 LLP B 54 -0.12 13.59 8.04
C2 LLP B 54 -0.41 12.31 8.50
C2' LLP B 54 -1.29 11.42 7.65
C3 LLP B 54 0.12 11.86 9.71
O3 LLP B 54 -0.15 10.69 10.11
C4 LLP B 54 0.96 12.73 10.47
C4' LLP B 54 1.58 12.34 11.78
C5 LLP B 54 1.24 14.03 9.97
C6 LLP B 54 0.69 14.44 8.76
C5' LLP B 54 2.10 14.98 10.77
OP4 LLP B 54 3.40 14.49 11.21
P LLP B 54 4.12 14.89 12.57
OP1 LLP B 54 3.19 14.31 13.57
OP2 LLP B 54 5.44 14.24 12.46
OP3 LLP B 54 4.21 16.38 12.61
N LLP B 54 3.95 7.22 10.36
CA LLP B 54 4.03 6.99 11.81
CB LLP B 54 2.65 7.08 12.45
CG LLP B 54 2.00 8.44 12.34
CD LLP B 54 2.86 9.53 13.02
CE LLP B 54 2.01 10.74 13.44
NZ LLP B 54 1.11 11.23 12.33
C LLP B 54 4.68 5.66 12.18
O LLP B 54 5.02 5.45 13.36
N ASP B 55 4.87 4.76 11.21
CA ASP B 55 5.62 3.54 11.46
C ASP B 55 7.01 3.89 11.99
N ARG B 56 7.58 4.99 11.48
CA ARG B 56 8.92 5.41 11.90
C ARG B 56 9.02 5.78 13.38
N PRO B 57 8.29 6.84 13.83
CA PRO B 57 8.29 7.16 15.24
C PRO B 57 7.80 6.03 16.14
N ALA B 58 6.77 5.32 15.73
CA ALA B 58 6.24 4.20 16.50
C ALA B 58 7.36 3.21 16.85
N VAL B 59 8.05 2.71 15.83
CA VAL B 59 9.10 1.73 16.05
C VAL B 59 10.26 2.30 16.86
N ARG B 60 10.68 3.53 16.59
CA ARG B 60 11.80 4.11 17.35
C ARG B 60 11.43 4.44 18.81
N MET B 61 10.20 4.89 19.06
CA MET B 61 9.76 5.07 20.43
C MET B 61 9.86 3.77 21.27
N ILE B 62 9.36 2.68 20.71
CA ILE B 62 9.43 1.37 21.36
C ILE B 62 10.87 0.92 21.60
N GLU B 63 11.69 1.01 20.55
CA GLU B 63 13.10 0.65 20.65
C GLU B 63 13.82 1.52 21.66
N GLN B 64 13.57 2.82 21.64
CA GLN B 64 14.22 3.71 22.62
C GLN B 64 13.76 3.39 24.04
N ALA B 65 12.49 3.06 24.20
CA ALA B 65 11.98 2.66 25.51
C ALA B 65 12.66 1.36 26.00
N GLU B 66 12.89 0.42 25.08
CA GLU B 66 13.63 -0.81 25.39
C GLU B 66 15.06 -0.51 25.82
N ALA B 67 15.75 0.29 25.02
CA ALA B 67 17.11 0.76 25.34
C ALA B 67 17.21 1.42 26.72
N ASP B 68 16.22 2.22 27.08
CA ASP B 68 16.21 2.95 28.35
C ASP B 68 15.68 2.13 29.54
N GLY B 69 15.33 0.87 29.31
CA GLY B 69 14.83 -0.02 30.37
C GLY B 69 13.38 0.19 30.80
N LEU B 70 12.60 0.94 30.02
CA LEU B 70 11.21 1.17 30.37
C LEU B 70 10.33 -0.03 29.97
N LEU B 71 10.63 -0.62 28.80
CA LEU B 71 9.85 -1.74 28.27
C LEU B 71 10.60 -3.04 28.46
N ARG B 72 9.86 -4.06 28.89
CA ARG B 72 10.41 -5.37 29.19
C ARG B 72 9.39 -6.43 28.73
N PRO B 73 9.86 -7.68 28.49
CA PRO B 73 9.12 -8.72 27.77
C PRO B 73 7.58 -8.64 27.71
N GLY B 74 6.90 -8.64 28.85
CA GLY B 74 5.42 -8.72 28.84
C GLY B 74 4.67 -7.41 29.11
N ALA B 75 5.26 -6.29 28.72
CA ALA B 75 4.74 -4.98 29.11
C ALA B 75 3.53 -4.59 28.28
N THR B 76 2.84 -3.55 28.73
CA THR B 76 1.71 -2.99 28.01
C THR B 76 2.02 -1.55 27.68
N ILE B 77 1.70 -1.17 26.43
CA ILE B 77 1.86 0.20 25.95
C ILE B 77 0.50 0.87 25.91
N LEU B 78 0.45 2.08 26.47
CA LEU B 78 -0.73 2.89 26.52
C LEU B 78 -0.50 4.09 25.64
N GLU B 79 -1.45 4.42 24.77
CA GLU B 79 -1.32 5.62 23.96
C GLU B 79 -2.67 6.29 23.69
N PRO B 80 -2.75 7.60 23.98
CA PRO B 80 -3.95 8.36 23.71
C PRO B 80 -3.98 8.80 22.25
N THR B 81 -4.60 7.97 21.43
CA THR B 81 -4.68 8.14 19.99
C THR B 81 -5.83 7.33 19.47
N SER B 82 -6.35 7.70 18.31
CA SER B 82 -7.25 6.84 17.54
C SER B 82 -6.88 6.85 16.04
N GLY B 83 -5.66 7.31 15.75
CA GLY B 83 -5.21 7.61 14.39
C GLY B 83 -4.05 6.74 13.95
N ASN B 84 -3.23 7.28 13.05
CA ASN B 84 -2.13 6.55 12.39
C ASN B 84 -1.09 6.01 13.36
N THR B 85 -0.81 6.77 14.42
CA THR B 85 0.14 6.31 15.44
C THR B 85 -0.33 5.07 16.17
N GLY B 86 -1.63 5.00 16.47
CA GLY B 86 -2.17 3.83 17.15
C GLY B 86 -2.14 2.59 16.25
N ILE B 87 -2.42 2.75 14.96
CA ILE B 87 -2.30 1.64 14.02
C ILE B 87 -0.86 1.21 13.97
N SER B 88 0.04 2.17 13.84
CA SER B 88 1.47 1.90 13.78
C SER B 88 1.96 1.23 15.06
N LEU B 89 1.57 1.76 16.19
CA LEU B 89 1.98 1.18 17.47
C LEU B 89 1.41 -0.22 17.69
N ALA B 90 0.19 -0.44 17.20
CA ALA B 90 -0.47 -1.76 17.28
C ALA B 90 0.29 -2.83 16.49
N MET B 91 0.69 -2.48 15.28
CA MET B 91 1.52 -3.38 14.47
C MET B 91 2.87 -3.64 15.18
N ALA B 92 3.54 -2.57 15.61
CA ALA B 92 4.92 -2.71 16.12
C ALA B 92 4.97 -3.37 17.49
N ALA B 93 4.08 -2.93 18.38
CA ALA B 93 3.97 -3.50 19.72
C ALA B 93 3.81 -4.99 19.67
N ARG B 94 2.84 -5.43 18.88
CA ARG B 94 2.46 -6.84 18.77
C ARG B 94 3.60 -7.69 18.25
N LEU B 95 4.26 -7.18 17.21
CA LEU B 95 5.38 -7.86 16.62
C LEU B 95 6.57 -7.95 17.58
N LYS B 96 6.76 -6.93 18.43
CA LYS B 96 7.84 -6.93 19.43
C LYS B 96 7.49 -7.60 20.76
N GLY B 97 6.27 -8.09 20.89
CA GLY B 97 5.86 -8.83 22.07
C GLY B 97 5.09 -8.06 23.14
N TYR B 98 4.59 -6.86 22.81
CA TYR B 98 3.85 -6.06 23.79
C TYR B 98 2.36 -5.99 23.50
N ARG B 99 1.59 -5.71 24.55
CA ARG B 99 0.16 -5.45 24.44
C ARG B 99 0.01 -3.93 24.18
N LEU B 100 -0.97 -3.53 23.38
CA LEU B 100 -1.24 -2.10 23.18
C LEU B 100 -2.68 -1.79 23.52
N ILE B 101 -2.85 -0.79 24.38
CA ILE B 101 -4.15 -0.22 24.72
C ILE B 101 -4.20 1.19 24.17
N CYS B 102 -5.19 1.47 23.34
CA CYS B 102 -5.42 2.80 22.84
C CYS B 102 -6.51 3.45 23.67
N VAL B 103 -6.26 4.71 24.04
CA VAL B 103 -7.20 5.49 24.81
C VAL B 103 -7.74 6.60 23.91
N MET B 104 -9.07 6.65 23.79
CA MET B 104 -9.75 7.63 22.93
C MET B 104 -11.10 8.04 23.52
N PRO B 105 -11.65 9.18 23.05
CA PRO B 105 -13.00 9.60 23.40
C PRO B 105 -14.07 8.59 23.03
N GLU B 106 -15.13 8.51 23.84
CA GLU B 106 -16.22 7.54 23.64
C GLU B 106 -16.91 7.70 22.28
N ASN B 107 -16.90 8.92 21.77
CA ASN B 107 -17.49 9.25 20.45
C ASN B 107 -16.45 9.32 19.33
N THR B 108 -15.45 8.43 19.38
CA THR B 108 -14.57 8.23 18.25
C THR B 108 -15.35 7.43 17.20
N SER B 109 -15.08 7.72 15.93
CA SER B 109 -15.71 7.01 14.82
C SER B 109 -15.47 5.51 14.92
N VAL B 110 -16.50 4.75 14.58
CA VAL B 110 -16.43 3.29 14.57
C VAL B 110 -15.34 2.82 13.60
N GLU B 111 -15.22 3.48 12.44
CA GLU B 111 -14.17 3.17 11.45
C GLU B 111 -12.75 3.19 12.05
N ARG B 112 -12.42 4.27 12.76
CA ARG B 112 -11.12 4.38 13.42
C ARG B 112 -10.98 3.24 14.43
N ARG B 113 -12.02 3.06 15.24
CA ARG B 113 -12.02 2.07 16.29
C ARG B 113 -11.81 0.65 15.75
N GLN B 114 -12.48 0.35 14.64
CA GLN B 114 -12.42 -0.98 14.05
C GLN B 114 -11.07 -1.31 13.40
N LEU B 115 -10.38 -0.29 12.89
CA LEU B 115 -9.05 -0.49 12.32
C LEU B 115 -8.05 -0.90 13.41
N LEU B 116 -8.08 -0.18 14.53
CA LEU B 116 -7.24 -0.49 15.69
C LEU B 116 -7.46 -1.91 16.23
N GLU B 117 -8.73 -2.25 16.40
CA GLU B 117 -9.13 -3.57 16.88
C GLU B 117 -8.66 -4.69 15.94
N LEU B 118 -8.71 -4.46 14.63
CA LEU B 118 -8.29 -5.53 13.70
C LEU B 118 -6.77 -5.77 13.81
N TYR B 119 -6.02 -4.72 14.14
CA TYR B 119 -4.58 -4.82 14.41
C TYR B 119 -4.24 -5.33 15.83
N GLY B 120 -5.25 -5.57 16.65
CA GLY B 120 -5.07 -6.23 17.95
C GLY B 120 -4.88 -5.30 19.14
N ALA B 121 -5.15 -4.01 18.94
CA ALA B 121 -5.21 -3.05 20.05
C ALA B 121 -6.46 -3.29 20.89
N GLN B 122 -6.30 -3.17 22.19
CA GLN B 122 -7.40 -3.12 23.14
C GLN B 122 -7.77 -1.64 23.25
N ILE B 123 -9.03 -1.37 23.54
CA ILE B 123 -9.52 0.01 23.56
C ILE B 123 -10.15 0.35 24.89
N ILE B 124 -9.73 1.49 25.42
CA ILE B 124 -10.33 2.09 26.62
C ILE B 124 -10.87 3.47 26.20
N PHE B 125 -12.15 3.70 26.47
CA PHE B 125 -12.79 5.00 26.20
C PHE B 125 -12.67 5.99 27.36
N SER B 126 -12.36 7.24 27.06
CA SER B 126 -12.35 8.33 28.06
C SER B 126 -13.58 9.24 27.86
N ALA B 127 -13.92 10.05 28.87
CA ALA B 127 -15.16 10.87 28.88
C ALA B 127 -15.63 11.32 27.48
N THR B 134 -8.14 14.98 27.88
CA THR B 134 -8.94 14.02 28.66
C THR B 134 -8.47 12.60 28.40
N ALA B 135 -8.44 12.20 27.12
CA ALA B 135 -7.80 10.93 26.70
C ALA B 135 -6.36 10.83 27.18
N VAL B 136 -5.61 11.93 27.08
CA VAL B 136 -4.21 11.94 27.51
C VAL B 136 -4.06 11.79 29.02
N ALA B 137 -4.81 12.59 29.76
CA ALA B 137 -4.78 12.51 31.23
C ALA B 137 -5.17 11.10 31.69
N THR B 138 -6.22 10.53 31.10
CA THR B 138 -6.66 9.20 31.53
C THR B 138 -5.65 8.08 31.19
N ALA B 139 -4.96 8.16 30.05
CA ALA B 139 -3.87 7.23 29.76
C ALA B 139 -2.76 7.32 30.81
N LYS B 140 -2.46 8.54 31.24
CA LYS B 140 -1.36 8.77 32.18
C LYS B 140 -1.72 8.20 33.55
N GLU B 141 -2.97 8.40 33.96
CA GLU B 141 -3.51 7.76 35.15
C GLU B 141 -3.48 6.23 35.07
N LEU B 142 -3.98 5.68 33.96
CA LEU B 142 -3.95 4.23 33.73
C LEU B 142 -2.53 3.69 33.84
N ALA B 143 -1.61 4.35 33.13
CA ALA B 143 -0.19 3.96 33.11
C ALA B 143 0.43 3.99 34.50
N ALA B 144 -0.02 4.91 35.35
CA ALA B 144 0.56 5.08 36.69
C ALA B 144 0.18 3.98 37.67
N THR B 145 -0.78 3.13 37.29
CA THR B 145 -1.29 2.08 38.16
C THR B 145 -0.36 0.87 38.14
N ASN B 146 0.51 0.81 37.15
CA ASN B 146 1.27 -0.40 36.93
C ASN B 146 2.67 -0.06 36.42
N PRO B 147 3.72 -0.54 37.13
CA PRO B 147 5.09 -0.32 36.65
C PRO B 147 5.37 -0.96 35.29
N SER B 148 4.54 -1.93 34.89
CA SER B 148 4.71 -2.63 33.63
C SER B 148 3.84 -2.02 32.50
N TRP B 149 3.15 -0.93 32.82
CA TRP B 149 2.38 -0.16 31.86
C TRP B 149 3.09 1.16 31.58
N VAL B 150 3.26 1.45 30.29
CA VAL B 150 4.09 2.57 29.84
C VAL B 150 3.35 3.38 28.78
N MET B 151 3.32 4.69 28.96
CA MET B 151 2.86 5.62 27.91
C MET B 151 4.05 6.23 27.19
N LEU B 152 4.12 5.99 25.89
CA LEU B 152 5.26 6.45 25.08
C LEU B 152 5.14 7.95 24.79
N TYR B 153 3.91 8.39 24.51
CA TYR B 153 3.53 9.79 24.35
C TYR B 153 4.12 10.49 23.13
N GLN B 154 3.55 10.24 21.96
CA GLN B 154 4.06 10.74 20.68
C GLN B 154 4.32 12.26 20.64
N TYR B 155 3.49 13.03 21.32
CA TYR B 155 3.54 14.49 21.29
C TYR B 155 4.75 15.08 22.07
N GLY B 156 5.33 14.29 22.97
CA GLY B 156 6.49 14.75 23.74
C GLY B 156 7.71 13.86 23.71
N ASN B 157 7.67 12.76 22.96
CA ASN B 157 8.77 11.80 22.96
C ASN B 157 9.84 12.16 21.94
N PRO B 158 11.10 12.40 22.37
CA PRO B 158 12.11 12.81 21.41
C PRO B 158 12.48 11.74 20.40
N ALA B 159 12.20 10.46 20.72
CA ALA B 159 12.33 9.35 19.75
C ALA B 159 11.47 9.54 18.50
N ASN B 160 10.40 10.31 18.61
CA ASN B 160 9.57 10.68 17.47
C ASN B 160 10.44 11.52 16.52
N THR B 161 10.94 12.64 17.02
CA THR B 161 11.84 13.48 16.24
C THR B 161 13.07 12.75 15.72
N ASP B 162 13.73 11.97 16.59
CA ASP B 162 14.89 11.16 16.23
C ASP B 162 14.65 10.21 15.05
N SER B 163 13.43 9.70 14.90
CA SER B 163 13.15 8.75 13.82
C SER B 163 13.29 9.43 12.45
N HIS B 164 12.97 10.71 12.40
CA HIS B 164 13.08 11.51 11.18
C HIS B 164 14.50 12.03 10.97
N TYR B 165 15.14 12.46 12.05
CA TYR B 165 16.56 12.83 12.04
C TYR B 165 17.45 11.72 11.51
N CYS B 166 17.22 10.51 12.01
CA CYS B 166 18.01 9.33 11.63
C CYS B 166 17.48 8.55 10.43
N GLY B 167 16.27 8.81 9.96
CA GLY B 167 15.71 8.04 8.86
C GLY B 167 15.21 8.86 7.68
N THR B 168 14.16 9.66 7.89
CA THR B 168 13.62 10.49 6.83
C THR B 168 14.65 11.47 6.24
N GLY B 169 15.34 12.24 7.09
CA GLY B 169 16.36 13.21 6.64
C GLY B 169 17.42 12.56 5.74
N PRO B 170 18.21 11.63 6.29
CA PRO B 170 19.24 10.92 5.54
C PRO B 170 18.78 10.36 4.20
N GLU B 171 17.61 9.73 4.18
CA GLU B 171 17.06 9.15 2.96
C GLU B 171 16.82 10.21 1.88
N LEU B 172 16.31 11.36 2.30
CA LEU B 172 16.08 12.46 1.37
C LEU B 172 17.38 13.04 0.85
N LEU B 173 18.33 13.27 1.75
CA LEU B 173 19.63 13.79 1.34
C LEU B 173 20.32 12.83 0.36
N ALA B 174 20.16 11.54 0.60
CA ALA B 174 20.74 10.51 -0.26
C ALA B 174 20.10 10.52 -1.64
N ASP B 175 18.77 10.65 -1.71
CA ASP B 175 18.06 10.63 -3.01
C ASP B 175 18.00 11.98 -3.72
N LEU B 176 18.19 13.07 -2.98
CA LEU B 176 18.03 14.40 -3.51
C LEU B 176 19.10 15.33 -2.93
N PRO B 177 20.38 15.07 -3.27
CA PRO B 177 21.45 15.97 -2.81
C PRO B 177 21.25 17.42 -3.25
N GLU B 178 20.45 17.63 -4.29
CA GLU B 178 20.16 18.97 -4.78
C GLU B 178 18.99 19.62 -4.08
N ILE B 179 18.54 19.05 -2.96
CA ILE B 179 17.32 19.53 -2.34
C ILE B 179 17.45 20.99 -1.94
N THR B 180 16.38 21.77 -2.20
CA THR B 180 16.30 23.18 -1.77
C THR B 180 15.18 23.47 -0.75
N HIS B 181 14.12 22.65 -0.74
CA HIS B 181 12.97 22.82 0.15
C HIS B 181 12.50 21.44 0.62
N PHE B 182 12.21 21.31 1.93
CA PHE B 182 11.44 20.18 2.46
C PHE B 182 10.09 20.70 2.95
N VAL B 183 8.99 20.11 2.47
CA VAL B 183 7.65 20.50 2.91
C VAL B 183 6.92 19.33 3.60
N ALA B 184 6.37 19.55 4.78
CA ALA B 184 5.57 18.52 5.46
C ALA B 184 4.50 19.16 6.34
N GLY B 185 3.57 18.30 6.77
CA GLY B 185 2.47 18.69 7.62
C GLY B 185 2.95 18.76 9.04
N LEU B 186 2.30 19.61 9.82
CA LEU B 186 2.66 19.91 11.18
C LEU B 186 1.60 19.29 12.08
N GLY B 187 1.96 18.21 12.78
CA GLY B 187 1.06 17.54 13.75
C GLY B 187 1.72 17.56 15.14
N THR B 188 2.40 16.47 15.49
CA THR B 188 3.34 16.44 16.64
C THR B 188 4.61 17.27 16.39
N THR B 189 4.87 17.57 15.11
CA THR B 189 6.02 18.35 14.60
C THR B 189 7.28 17.50 14.49
N GLY B 190 7.19 16.22 14.74
CA GLY B 190 8.35 15.34 14.68
C GLY B 190 8.97 15.22 13.29
N THR B 191 8.15 15.09 12.25
CA THR B 191 8.69 15.06 10.87
C THR B 191 9.48 16.33 10.55
N LEU B 192 8.89 17.49 10.82
CA LEU B 192 9.55 18.76 10.51
C LEU B 192 10.78 18.98 11.39
N MET B 193 10.65 18.73 12.68
CA MET B 193 11.76 18.98 13.59
C MET B 193 12.94 18.06 13.36
N GLY B 194 12.69 16.78 13.11
CA GLY B 194 13.73 15.78 12.90
C GLY B 194 14.35 15.86 11.53
N THR B 195 13.51 15.86 10.50
CA THR B 195 14.01 15.97 9.13
C THR B 195 14.67 17.35 8.96
N GLY B 196 14.01 18.38 9.44
CA GLY B 196 14.46 19.77 9.32
C GLY B 196 15.83 19.99 9.93
N ARG B 197 16.02 19.50 11.16
CA ARG B 197 17.29 19.66 11.82
C ARG B 197 18.40 18.93 11.06
N PHE B 198 18.15 17.73 10.59
CA PHE B 198 19.14 17.00 9.79
C PHE B 198 19.51 17.73 8.49
N LEU B 199 18.50 18.18 7.76
CA LEU B 199 18.74 18.84 6.47
C LEU B 199 19.47 20.18 6.63
N ARG B 200 19.19 20.88 7.72
CA ARG B 200 19.84 22.17 8.00
C ARG B 200 21.31 21.96 8.30
N GLU B 201 21.63 20.82 8.94
CA GLU B 201 23.02 20.50 9.27
C GLU B 201 23.85 20.04 8.08
N HIS B 202 23.19 19.77 6.95
CA HIS B 202 23.87 19.21 5.78
C HIS B 202 23.69 19.99 4.48
N VAL B 203 22.52 20.55 4.24
CA VAL B 203 22.30 21.30 3.01
C VAL B 203 22.31 22.79 3.32
N ALA B 204 23.13 23.51 2.56
CA ALA B 204 23.60 24.84 2.90
C ALA B 204 22.48 25.83 3.20
N ASN B 205 21.56 25.99 2.26
CA ASN B 205 20.52 27.01 2.41
C ASN B 205 19.11 26.44 2.31
N VAL B 206 18.97 25.20 2.76
CA VAL B 206 17.70 24.48 2.63
C VAL B 206 16.61 25.21 3.40
N LYS B 207 15.42 25.22 2.84
CA LYS B 207 14.25 25.73 3.54
C LYS B 207 13.37 24.58 4.06
N ILE B 208 12.89 24.74 5.29
CA ILE B 208 12.01 23.80 5.94
C ILE B 208 10.62 24.46 6.00
N VAL B 209 9.66 23.89 5.29
CA VAL B 209 8.33 24.53 5.17
C VAL B 209 7.23 23.66 5.78
N ALA B 210 6.50 24.23 6.73
CA ALA B 210 5.36 23.58 7.35
C ALA B 210 4.08 23.89 6.58
N ALA B 211 3.24 22.86 6.41
CA ALA B 211 1.88 23.01 5.92
C ALA B 211 0.92 22.69 7.08
N GLU B 212 0.01 23.63 7.38
CA GLU B 212 -0.94 23.48 8.46
C GLU B 212 -2.30 24.02 8.02
N PRO B 213 -3.37 23.83 8.84
CA PRO B 213 -4.62 24.53 8.56
C PRO B 213 -4.78 25.78 9.41
N VAL B 230 2.06 25.65 22.44
CA VAL B 230 3.36 25.20 21.94
C VAL B 230 3.51 23.67 21.95
N PRO B 231 3.68 23.04 20.77
CA PRO B 231 3.87 21.57 20.79
C PRO B 231 5.14 21.15 21.54
N GLU B 232 5.07 20.07 22.29
CA GLU B 232 6.18 19.71 23.17
C GLU B 232 7.50 19.33 22.45
N LEU B 233 7.42 18.97 21.17
CA LEU B 233 8.62 18.70 20.35
C LEU B 233 9.10 19.92 19.56
N TYR B 234 8.29 20.97 19.52
CA TYR B 234 8.60 22.15 18.74
C TYR B 234 9.91 22.85 19.13
N ASP B 235 10.66 23.25 18.10
CA ASP B 235 11.80 24.13 18.26
C ASP B 235 11.55 25.39 17.44
N PRO B 236 11.57 26.59 18.10
CA PRO B 236 11.35 27.91 17.49
C PRO B 236 12.23 28.26 16.31
N GLU B 237 13.31 27.52 16.08
CA GLU B 237 14.34 27.97 15.17
C GLU B 237 14.67 26.97 14.03
N ILE B 238 13.81 25.98 13.82
CA ILE B 238 13.98 25.07 12.69
C ILE B 238 13.28 25.58 11.43
N LEU B 239 12.02 25.94 11.57
CA LEU B 239 11.13 26.22 10.43
C LEU B 239 11.51 27.55 9.79
N THR B 240 11.51 27.59 8.46
CA THR B 240 11.79 28.81 7.73
C THR B 240 10.50 29.49 7.27
N ALA B 241 9.45 28.69 7.04
CA ALA B 241 8.11 29.24 6.76
C ALA B 241 7.00 28.29 7.18
N ARG B 242 5.81 28.85 7.32
CA ARG B 242 4.62 28.10 7.69
C ARG B 242 3.44 28.61 6.86
N TYR B 243 2.77 27.68 6.19
CA TYR B 243 1.68 27.94 5.26
C TYR B 243 0.43 27.32 5.87
N SER B 244 -0.62 28.12 6.07
CA SER B 244 -1.91 27.61 6.50
C SER B 244 -2.73 27.28 5.24
N VAL B 245 -3.52 26.22 5.30
CA VAL B 245 -4.21 25.70 4.09
C VAL B 245 -5.65 25.31 4.42
N GLY B 246 -6.61 25.86 3.69
CA GLY B 246 -8.02 25.56 3.90
C GLY B 246 -8.39 24.18 3.37
N ALA B 247 -9.50 23.62 3.85
CA ALA B 247 -9.92 22.26 3.46
C ALA B 247 -10.23 22.15 1.97
N VAL B 248 -10.87 23.17 1.40
CA VAL B 248 -11.24 23.10 -0.01
C VAL B 248 -9.98 22.98 -0.86
N ASP B 249 -8.97 23.79 -0.54
CA ASP B 249 -7.70 23.73 -1.23
C ASP B 249 -6.96 22.42 -0.98
N ALA B 250 -7.05 21.88 0.24
CA ALA B 250 -6.49 20.54 0.57
C ALA B 250 -7.13 19.45 -0.28
N VAL B 251 -8.46 19.43 -0.31
CA VAL B 251 -9.18 18.45 -1.11
C VAL B 251 -8.85 18.59 -2.59
N ARG B 252 -8.99 19.81 -3.08
CA ARG B 252 -8.62 20.15 -4.45
C ARG B 252 -7.28 19.54 -4.87
N ARG B 253 -6.26 19.74 -4.06
CA ARG B 253 -4.90 19.28 -4.38
C ARG B 253 -4.81 17.76 -4.30
N THR B 254 -5.46 17.16 -3.31
CA THR B 254 -5.48 15.70 -3.17
C THR B 254 -6.05 14.99 -4.41
N ARG B 255 -7.14 15.52 -4.95
CA ARG B 255 -7.74 15.01 -6.20
C ARG B 255 -6.87 15.31 -7.40
N GLU B 256 -6.26 16.49 -7.42
CA GLU B 256 -5.38 16.83 -8.51
C GLU B 256 -4.19 15.86 -8.56
N LEU B 257 -3.65 15.53 -7.38
CA LEU B 257 -2.48 14.66 -7.31
C LEU B 257 -2.78 13.28 -7.91
N VAL B 258 -3.95 12.72 -7.62
CA VAL B 258 -4.29 11.38 -8.11
C VAL B 258 -4.65 11.37 -9.61
N HIS B 259 -5.32 12.43 -10.07
CA HIS B 259 -5.73 12.57 -11.47
C HIS B 259 -4.53 12.84 -12.40
N THR B 260 -3.48 13.48 -11.90
CA THR B 260 -2.38 13.94 -12.75
C THR B 260 -1.06 13.21 -12.53
N GLU B 261 -0.88 12.64 -11.34
CA GLU B 261 0.36 11.89 -11.04
C GLU B 261 0.15 10.43 -10.65
N GLY B 262 -1.09 10.00 -10.45
CA GLY B 262 -1.36 8.59 -10.14
C GLY B 262 -1.21 8.21 -8.67
N ILE B 263 -0.87 9.17 -7.83
CA ILE B 263 -0.64 8.96 -6.40
C ILE B 263 -1.93 9.24 -5.62
N PHE B 264 -2.40 8.23 -4.92
CA PHE B 264 -3.64 8.31 -4.14
C PHE B 264 -3.33 8.55 -2.67
N ALA B 265 -3.29 9.84 -2.30
CA ALA B 265 -2.82 10.31 -1.00
C ALA B 265 -3.95 10.71 -0.07
N GLY B 266 -3.65 10.80 1.22
CA GLY B 266 -4.62 11.28 2.21
C GLY B 266 -4.73 12.79 2.26
N ILE B 267 -5.56 13.30 3.17
CA ILE B 267 -5.93 14.71 3.15
C ILE B 267 -4.82 15.65 3.57
N SER B 268 -3.95 15.21 4.47
CA SER B 268 -2.80 16.07 4.85
C SER B 268 -1.85 16.29 3.69
N THR B 269 -1.74 15.33 2.78
CA THR B 269 -0.92 15.54 1.60
C THR B 269 -1.48 16.67 0.72
N GLY B 270 -2.78 16.91 0.77
CA GLY B 270 -3.38 18.02 0.04
C GLY B 270 -2.89 19.36 0.54
N ALA B 271 -2.75 19.47 1.87
CA ALA B 271 -2.19 20.65 2.49
C ALA B 271 -0.73 20.82 2.06
N VAL B 272 0.04 19.74 2.22
CA VAL B 272 1.44 19.73 1.83
C VAL B 272 1.63 20.11 0.35
N LEU B 273 0.79 19.59 -0.53
CA LEU B 273 0.94 19.89 -1.96
C LEU B 273 0.59 21.35 -2.28
N HIS B 274 -0.43 21.89 -1.63
CA HIS B 274 -0.83 23.26 -1.86
C HIS B 274 0.33 24.15 -1.50
N ALA B 275 0.92 23.94 -0.32
CA ALA B 275 2.13 24.66 0.09
C ALA B 275 3.33 24.50 -0.86
N ALA B 276 3.59 23.27 -1.30
CA ALA B 276 4.76 23.02 -2.14
C ALA B 276 4.63 23.72 -3.50
N LEU B 277 3.41 23.75 -4.04
CA LEU B 277 3.08 24.48 -5.28
C LEU B 277 3.17 26.00 -5.13
N GLY B 278 2.83 26.51 -3.95
CA GLY B 278 3.01 27.93 -3.64
C GLY B 278 4.48 28.27 -3.61
N VAL B 279 5.30 27.41 -2.98
CA VAL B 279 6.75 27.57 -2.96
C VAL B 279 7.32 27.46 -4.38
N GLY B 280 6.84 26.47 -5.13
CA GLY B 280 7.28 26.27 -6.51
C GLY B 280 6.99 27.47 -7.38
N ALA B 281 5.76 28.01 -7.27
CA ALA B 281 5.35 29.24 -7.94
C ALA B 281 6.28 30.40 -7.63
N GLY B 282 6.65 30.53 -6.36
CA GLY B 282 7.60 31.54 -5.91
C GLY B 282 8.94 31.43 -6.62
N ALA B 283 9.48 30.22 -6.66
CA ALA B 283 10.73 29.96 -7.35
C ALA B 283 10.62 30.20 -8.86
N LEU B 284 9.46 29.91 -9.45
CA LEU B 284 9.27 30.08 -10.89
C LEU B 284 9.23 31.58 -11.26
N ALA B 285 8.47 32.35 -10.51
CA ALA B 285 8.35 33.79 -10.71
C ALA B 285 9.63 34.55 -10.40
N ALA B 286 10.51 33.98 -9.58
CA ALA B 286 11.78 34.60 -9.23
C ALA B 286 12.95 34.10 -10.09
N GLY B 287 12.66 33.25 -11.06
CA GLY B 287 13.70 32.64 -11.90
C GLY B 287 14.81 31.89 -11.18
N GLU B 288 14.46 31.18 -10.11
CA GLU B 288 15.44 30.39 -9.34
C GLU B 288 15.19 28.89 -9.51
N ARG B 289 16.24 28.08 -9.30
CA ARG B 289 16.07 26.63 -9.26
C ARG B 289 15.48 26.18 -7.91
N ALA B 290 14.57 25.22 -7.97
CA ALA B 290 14.08 24.56 -6.76
C ALA B 290 13.99 23.05 -6.97
N ASP B 291 14.28 22.31 -5.91
CA ASP B 291 13.99 20.89 -5.84
C ASP B 291 13.34 20.70 -4.50
N ILE B 292 12.00 20.60 -4.55
CA ILE B 292 11.15 20.61 -3.40
C ILE B 292 10.72 19.18 -3.08
N ALA B 293 11.13 18.69 -1.92
CA ALA B 293 10.71 17.39 -1.40
C ALA B 293 9.45 17.58 -0.55
N LEU B 294 8.42 16.80 -0.83
CA LEU B 294 7.18 16.90 -0.09
C LEU B 294 6.75 15.51 0.42
N VAL B 295 6.25 15.50 1.66
CA VAL B 295 5.88 14.26 2.33
C VAL B 295 4.46 13.89 1.99
N VAL B 296 4.31 12.66 1.51
CA VAL B 296 3.01 12.05 1.33
C VAL B 296 2.93 11.09 2.52
N ALA B 297 2.24 11.51 3.58
CA ALA B 297 2.32 10.84 4.88
C ALA B 297 1.47 9.59 4.95
N ASP B 298 0.39 9.52 4.20
CA ASP B 298 -0.43 8.32 4.07
C ASP B 298 -1.22 8.34 2.77
N ALA B 299 -1.92 7.24 2.51
CA ALA B 299 -2.65 7.06 1.28
C ALA B 299 -4.11 7.39 1.53
N GLY B 300 -4.88 7.46 0.44
CA GLY B 300 -6.24 7.93 0.48
C GLY B 300 -7.27 6.97 1.00
N TRP B 301 -6.91 5.69 1.12
CA TRP B 301 -7.87 4.62 1.46
C TRP B 301 -8.70 4.92 2.67
N LYS B 302 -8.07 5.28 3.79
CA LYS B 302 -8.84 5.45 5.02
C LYS B 302 -9.81 6.65 4.93
N TYR B 303 -9.59 7.51 3.94
CA TYR B 303 -10.40 8.73 3.79
C TYR B 303 -11.56 8.58 2.80
N LEU B 304 -11.67 7.43 2.12
CA LEU B 304 -12.74 7.18 1.12
C LEU B 304 -14.15 7.43 1.65
N SER B 305 -14.44 6.87 2.81
CA SER B 305 -15.73 7.04 3.49
C SER B 305 -15.93 8.49 3.91
N THR B 306 -15.90 9.38 2.92
CA THR B 306 -16.07 10.82 3.11
C THR B 306 -16.19 11.39 1.69
N GLY B 307 -16.29 12.70 1.57
CA GLY B 307 -16.43 13.28 0.24
C GLY B 307 -15.13 13.56 -0.51
N ALA B 308 -13.99 13.44 0.18
CA ALA B 308 -12.75 14.02 -0.32
C ALA B 308 -12.48 13.76 -1.80
N TYR B 309 -12.83 12.57 -2.29
CA TYR B 309 -12.41 12.18 -3.64
C TYR B 309 -13.54 12.15 -4.66
N ALA B 310 -14.76 11.86 -4.21
CA ALA B 310 -15.91 11.82 -5.11
C ALA B 310 -16.88 13.00 -4.91
N GLY B 311 -17.22 13.67 -6.01
CA GLY B 311 -18.34 14.62 -6.03
C GLY B 311 -17.94 16.07 -5.88
N SER B 312 -18.69 16.79 -5.04
CA SER B 312 -18.51 18.22 -4.87
C SER B 312 -17.47 18.50 -3.81
N LEU B 313 -16.67 19.53 -4.03
CA LEU B 313 -15.73 20.04 -3.02
C LEU B 313 -16.44 20.49 -1.72
N ASP B 314 -17.69 20.92 -1.83
CA ASP B 314 -18.48 21.33 -0.67
C ASP B 314 -18.88 20.14 0.22
N ASP B 315 -19.38 19.08 -0.40
CA ASP B 315 -19.70 17.84 0.31
C ASP B 315 -18.45 17.30 1.02
N ALA B 316 -17.36 17.23 0.27
CA ALA B 316 -16.05 16.84 0.82
C ALA B 316 -15.63 17.72 2.00
N GLU B 317 -15.71 19.03 1.80
CA GLU B 317 -15.40 20.03 2.84
C GLU B 317 -16.20 19.78 4.12
N THR B 318 -17.46 19.41 3.97
CA THR B 318 -18.31 19.10 5.13
C THR B 318 -17.85 17.81 5.81
N ALA B 319 -17.37 16.85 5.02
CA ALA B 319 -16.80 15.61 5.57
C ALA B 319 -15.51 15.87 6.34
NA NA C . 3.53 2.72 34.68
#